data_2CH7
#
_entry.id   2CH7
#
_cell.length_a   24.600
_cell.length_b   99.400
_cell.length_c   117.200
_cell.angle_alpha   90.00
_cell.angle_beta   90.50
_cell.angle_gamma   90.00
#
_symmetry.space_group_name_H-M   'P 1 21 1'
#
loop_
_entity.id
_entity.type
_entity.pdbx_description
1 polymer 'METHYL-ACCEPTING CHEMOTAXIS PROTEIN'
2 polymer 'METHYL-ACCEPTING CHEMOTAXIS PROTEIN'
3 non-polymer 'LEAD (II) ION'
4 water water
#
loop_
_entity_poly.entity_id
_entity_poly.type
_entity_poly.pdbx_seq_one_letter_code
_entity_poly.pdbx_strand_id
1 'polypeptide(L)'
;GSHMKDVQTETFSVAESIEEISKANEEITNQLLGISKEMDNISTRIESISASVQETTAGSEEISSATKNIADSAQQAASF
ADQSTQLAKEAGDALKKVIEVTRMISNSAKDVERVVESFQKGAEEITSFVETINAIAEQTNLLALNAAIEAARAGEAGRG
FAVVADEIRKLAEESQQASENVRRVVNEIRSIAEDAGKVSSEITARVEEGTKLADEADEKLNSIVGAVERINEMLQNIAA
AIEEQTAAVDEITTAMTENAKNAEEITNSVKEVNARLQEISASTEEVTSRVQTIRENVQMLKEIVARYK
;
A
2 'polypeptide(L)'
;GSHMKDVQTETFSVAESIEEISKANEEITNQLLGISKEMDNISTRIESISASVQETTAGSEEISSATKNIADSAQQAASF
ADQSTQLAKEAGDALKKVIEVTRMISNSAKDVERVVESFQKGAEEITSFVETINAIAEQTNLLALNAAIEAARAGEAGRG
FAVVADEIRKLAEESQQASENVRRVVNEIRSIAEDAGKVSSEITARVEEGTKLADEADEKLNSIVGAVERINEMLQNIAA
AIEEQNAAVDEITTAMTENAKNAEEITNSVKEVNARLQEISASTEEVTSRVQTIRENVQMLKEIVARYK
;
B
#
loop_
_chem_comp.id
_chem_comp.type
_chem_comp.name
_chem_comp.formula
PB non-polymer 'LEAD (II) ION' 'Pb 2'
#
# COMPACT_ATOMS: atom_id res chain seq x y z
N GLY A 1 -90.08 -59.82 35.52
CA GLY A 1 -89.84 -60.21 34.10
C GLY A 1 -89.31 -59.00 33.34
N SER A 2 -90.19 -58.05 33.02
CA SER A 2 -89.78 -56.83 32.29
C SER A 2 -88.93 -56.02 33.23
N HIS A 3 -88.94 -56.45 34.50
CA HIS A 3 -88.17 -55.89 35.61
C HIS A 3 -86.72 -56.35 35.53
N MET A 4 -86.49 -57.49 34.89
CA MET A 4 -85.14 -58.05 34.75
C MET A 4 -84.71 -58.02 33.28
N LYS A 5 -85.69 -58.10 32.38
CA LYS A 5 -85.42 -58.05 30.95
C LYS A 5 -84.98 -56.66 30.54
N ASP A 6 -85.14 -55.69 31.44
CA ASP A 6 -84.70 -54.32 31.20
C ASP A 6 -83.38 -54.16 31.93
N VAL A 7 -83.22 -54.86 33.06
CA VAL A 7 -81.98 -54.84 33.85
C VAL A 7 -80.88 -55.48 33.00
N GLN A 8 -81.32 -56.23 32.00
CA GLN A 8 -80.41 -56.89 31.07
C GLN A 8 -80.11 -55.91 29.94
N THR A 9 -81.17 -55.37 29.34
CA THR A 9 -81.04 -54.41 28.23
C THR A 9 -80.13 -53.27 28.67
N GLU A 10 -80.22 -52.96 29.95
CA GLU A 10 -79.45 -51.90 30.56
C GLU A 10 -77.98 -52.27 30.64
N THR A 11 -77.71 -53.36 31.35
CA THR A 11 -76.35 -53.84 31.50
C THR A 11 -75.73 -54.23 30.16
N PHE A 12 -76.56 -54.33 29.12
CA PHE A 12 -76.05 -54.65 27.79
C PHE A 12 -75.39 -53.39 27.25
N SER A 13 -76.11 -52.27 27.35
CA SER A 13 -75.62 -50.99 26.89
C SER A 13 -74.40 -50.50 27.66
N VAL A 14 -74.37 -50.66 28.98
CA VAL A 14 -73.20 -50.20 29.72
C VAL A 14 -71.98 -51.07 29.41
N ALA A 15 -72.18 -52.39 29.31
CA ALA A 15 -71.09 -53.31 28.97
C ALA A 15 -70.60 -53.01 27.56
N GLU A 16 -71.51 -52.51 26.73
CA GLU A 16 -71.23 -52.14 25.34
C GLU A 16 -70.52 -50.78 25.28
N SER A 17 -70.90 -49.88 26.19
CA SER A 17 -70.30 -48.57 26.22
C SER A 17 -68.92 -48.57 26.85
N ILE A 18 -68.79 -49.18 28.03
CA ILE A 18 -67.49 -49.23 28.72
C ILE A 18 -66.43 -49.80 27.79
N GLU A 19 -66.82 -50.67 26.88
CA GLU A 19 -65.89 -51.26 25.94
C GLU A 19 -65.42 -50.27 24.89
N GLU A 20 -66.22 -49.24 24.63
CA GLU A 20 -65.85 -48.19 23.69
C GLU A 20 -64.91 -47.24 24.44
N ILE A 21 -65.21 -46.98 25.71
CA ILE A 21 -64.34 -46.11 26.52
C ILE A 21 -62.93 -46.74 26.62
N SER A 22 -62.89 -48.07 26.66
CA SER A 22 -61.63 -48.76 26.78
C SER A 22 -60.75 -48.58 25.58
N LYS A 23 -61.34 -48.55 24.39
CA LYS A 23 -60.51 -48.38 23.20
C LYS A 23 -60.22 -46.91 22.93
N ALA A 24 -61.17 -46.04 23.29
CA ALA A 24 -60.99 -44.60 23.13
C ALA A 24 -59.82 -44.20 24.02
N ASN A 25 -59.69 -44.90 25.16
CA ASN A 25 -58.59 -44.71 26.12
C ASN A 25 -57.33 -45.48 25.67
N GLU A 26 -57.50 -46.45 24.76
CA GLU A 26 -56.38 -47.21 24.21
C GLU A 26 -55.84 -46.37 23.07
N GLU A 27 -56.72 -45.70 22.35
CA GLU A 27 -56.30 -44.81 21.26
C GLU A 27 -55.48 -43.65 21.91
N ILE A 28 -55.92 -43.18 23.08
CA ILE A 28 -55.21 -42.11 23.77
C ILE A 28 -53.80 -42.48 24.24
N THR A 29 -53.65 -43.65 24.84
CA THR A 29 -52.31 -44.05 25.29
C THR A 29 -51.29 -44.13 24.12
N ASN A 30 -51.77 -44.42 22.91
CA ASN A 30 -50.90 -44.51 21.72
C ASN A 30 -50.43 -43.16 21.27
N GLN A 31 -51.37 -42.23 21.15
CA GLN A 31 -51.07 -40.85 20.73
C GLN A 31 -50.01 -40.28 21.66
N LEU A 32 -50.09 -40.65 22.94
CA LEU A 32 -49.14 -40.23 23.98
C LEU A 32 -47.73 -40.77 23.68
N LEU A 33 -47.65 -41.97 23.09
CA LEU A 33 -46.36 -42.58 22.74
C LEU A 33 -45.70 -41.78 21.61
N GLY A 34 -46.51 -41.44 20.60
CA GLY A 34 -46.03 -40.67 19.46
C GLY A 34 -45.59 -39.26 19.85
N ILE A 35 -46.34 -38.62 20.73
CA ILE A 35 -45.99 -37.29 21.20
C ILE A 35 -44.59 -37.26 21.84
N SER A 36 -44.30 -38.27 22.66
CA SER A 36 -43.00 -38.36 23.32
C SER A 36 -41.86 -38.44 22.32
N LYS A 37 -41.97 -39.34 21.34
CA LYS A 37 -40.91 -39.43 20.31
C LYS A 37 -40.70 -38.07 19.64
N GLU A 38 -41.75 -37.27 19.55
CA GLU A 38 -41.64 -35.95 18.92
C GLU A 38 -41.05 -34.93 19.88
N MET A 39 -41.32 -35.11 21.16
CA MET A 39 -40.78 -34.24 22.20
C MET A 39 -39.28 -34.44 22.32
N ASP A 40 -38.83 -35.68 22.13
CA ASP A 40 -37.40 -36.01 22.19
C ASP A 40 -36.70 -35.45 20.93
N ASN A 41 -37.38 -35.47 19.78
CA ASN A 41 -36.81 -34.92 18.54
C ASN A 41 -36.56 -33.45 18.77
N ILE A 42 -37.52 -32.78 19.41
CA ILE A 42 -37.39 -31.35 19.70
C ILE A 42 -36.16 -31.18 20.59
N SER A 43 -36.10 -31.97 21.66
CA SER A 43 -34.98 -31.98 22.60
C SER A 43 -33.64 -32.20 21.88
N THR A 44 -33.51 -33.31 21.18
CA THR A 44 -32.27 -33.59 20.44
C THR A 44 -31.92 -32.44 19.50
N ARG A 45 -32.89 -31.99 18.70
CA ARG A 45 -32.64 -30.87 17.80
C ARG A 45 -32.32 -29.59 18.58
N ILE A 46 -32.92 -29.43 19.74
CA ILE A 46 -32.63 -28.25 20.54
C ILE A 46 -31.22 -28.30 21.16
N GLU A 47 -30.60 -29.47 21.05
CA GLU A 47 -29.24 -29.69 21.54
C GLU A 47 -28.29 -29.35 20.40
N SER A 48 -28.60 -29.83 19.20
CA SER A 48 -27.79 -29.53 18.01
C SER A 48 -27.85 -28.04 17.67
N ILE A 49 -29.02 -27.42 17.89
CA ILE A 49 -29.15 -26.00 17.62
C ILE A 49 -28.27 -25.26 18.62
N SER A 50 -28.14 -25.82 19.82
CA SER A 50 -27.28 -25.20 20.82
C SER A 50 -25.82 -25.35 20.40
N ALA A 51 -25.50 -26.48 19.78
CA ALA A 51 -24.14 -26.71 19.31
C ALA A 51 -23.84 -25.79 18.13
N SER A 52 -24.88 -25.49 17.34
CA SER A 52 -24.75 -24.61 16.18
C SER A 52 -24.36 -23.22 16.65
N VAL A 53 -24.74 -22.88 17.87
CA VAL A 53 -24.43 -21.59 18.50
C VAL A 53 -22.96 -21.46 18.91
N GLN A 54 -22.38 -22.55 19.42
CA GLN A 54 -20.97 -22.50 19.83
C GLN A 54 -20.03 -22.35 18.65
N GLU A 55 -20.32 -23.08 17.56
CA GLU A 55 -19.51 -23.01 16.34
C GLU A 55 -19.42 -21.56 15.87
N THR A 56 -20.58 -20.90 15.83
CA THR A 56 -20.69 -19.51 15.38
C THR A 56 -19.94 -18.52 16.24
N THR A 57 -20.04 -18.65 17.56
CA THR A 57 -19.32 -17.75 18.47
C THR A 57 -17.83 -17.82 18.16
N ALA A 58 -17.36 -19.01 17.81
CA ALA A 58 -15.97 -19.22 17.44
C ALA A 58 -15.65 -18.43 16.17
N GLY A 59 -16.61 -18.38 15.25
CA GLY A 59 -16.45 -17.64 14.01
C GLY A 59 -16.44 -16.14 14.23
N SER A 60 -17.27 -15.65 15.16
CA SER A 60 -17.27 -14.21 15.43
C SER A 60 -15.93 -13.84 16.08
N GLU A 61 -15.38 -14.75 16.91
CA GLU A 61 -14.10 -14.50 17.59
C GLU A 61 -12.88 -14.50 16.64
N GLU A 62 -12.89 -15.39 15.64
CA GLU A 62 -11.82 -15.45 14.63
C GLU A 62 -11.93 -14.20 13.73
N ILE A 63 -13.13 -13.92 13.24
CA ILE A 63 -13.39 -12.76 12.39
C ILE A 63 -12.90 -11.49 13.06
N SER A 64 -13.38 -11.19 14.26
CA SER A 64 -12.95 -10.01 15.00
C SER A 64 -11.42 -9.90 15.07
N SER A 65 -10.78 -10.95 15.61
CA SER A 65 -9.33 -11.00 15.71
C SER A 65 -8.74 -10.71 14.32
N ALA A 66 -9.34 -11.29 13.29
CA ALA A 66 -8.87 -11.08 11.92
C ALA A 66 -9.04 -9.65 11.47
N THR A 67 -10.18 -9.03 11.82
CA THR A 67 -10.43 -7.64 11.44
C THR A 67 -9.55 -6.70 12.26
N LYS A 68 -9.08 -7.14 13.41
CA LYS A 68 -8.21 -6.30 14.23
C LYS A 68 -6.83 -6.27 13.57
N ASN A 69 -6.35 -7.44 13.13
CA ASN A 69 -5.06 -7.53 12.47
C ASN A 69 -5.07 -6.60 11.27
N ILE A 70 -6.13 -6.69 10.46
CA ILE A 70 -6.30 -5.88 9.25
C ILE A 70 -6.45 -4.40 9.58
N ALA A 71 -7.10 -4.05 10.68
CA ALA A 71 -7.24 -2.65 11.04
C ALA A 71 -5.93 -2.02 11.49
N ASP A 72 -5.04 -2.83 12.04
CA ASP A 72 -3.76 -2.35 12.52
C ASP A 72 -2.70 -2.37 11.45
N SER A 73 -2.63 -3.46 10.68
CA SER A 73 -1.67 -3.55 9.59
C SER A 73 -1.91 -2.39 8.64
N ALA A 74 -3.17 -2.04 8.42
CA ALA A 74 -3.55 -0.92 7.53
C ALA A 74 -3.30 0.45 8.16
N GLN A 75 -3.52 0.56 9.47
CA GLN A 75 -3.33 1.81 10.20
C GLN A 75 -1.86 2.24 10.18
N GLN A 76 -0.98 1.24 10.06
CA GLN A 76 0.46 1.45 10.02
C GLN A 76 1.01 1.61 8.60
N ALA A 77 0.38 0.92 7.64
CA ALA A 77 0.79 1.04 6.25
C ALA A 77 0.53 2.48 5.81
N ALA A 78 -0.64 3.02 6.16
CA ALA A 78 -0.99 4.40 5.83
C ALA A 78 0.00 5.39 6.40
N SER A 79 0.53 5.13 7.60
CA SER A 79 1.48 6.04 8.22
C SER A 79 2.80 6.11 7.45
N PHE A 80 3.19 5.01 6.80
CA PHE A 80 4.43 5.01 6.01
C PHE A 80 4.20 5.70 4.67
N ALA A 81 2.92 5.82 4.30
CA ALA A 81 2.52 6.48 3.08
C ALA A 81 2.75 7.98 3.17
N ASP A 82 2.64 8.53 4.39
CA ASP A 82 2.90 9.96 4.58
C ASP A 82 4.41 10.18 4.66
N GLN A 83 5.13 9.17 5.14
CA GLN A 83 6.59 9.23 5.25
C GLN A 83 7.19 9.19 3.84
N SER A 84 6.60 8.35 2.99
CA SER A 84 7.03 8.22 1.60
C SER A 84 6.63 9.47 0.84
N THR A 85 5.52 10.09 1.25
CA THR A 85 5.02 11.32 0.63
C THR A 85 5.96 12.48 0.99
N GLN A 86 6.52 12.44 2.20
CA GLN A 86 7.42 13.48 2.66
C GLN A 86 8.81 13.34 2.06
N LEU A 87 9.31 12.10 1.98
CA LEU A 87 10.63 11.90 1.38
C LEU A 87 10.56 12.26 -0.09
N ALA A 88 9.35 12.28 -0.63
CA ALA A 88 9.10 12.62 -2.03
C ALA A 88 9.13 14.14 -2.20
N LYS A 89 8.31 14.86 -1.43
CA LYS A 89 8.29 16.33 -1.49
C LYS A 89 9.72 16.83 -1.24
N GLU A 90 10.41 16.16 -0.34
CA GLU A 90 11.78 16.48 0.04
C GLU A 90 12.74 16.22 -1.11
N ALA A 91 12.80 14.98 -1.59
CA ALA A 91 13.69 14.64 -2.71
C ALA A 91 13.35 15.47 -3.93
N GLY A 92 12.11 15.97 -3.97
CA GLY A 92 11.66 16.81 -5.06
C GLY A 92 12.30 18.17 -4.91
N ASP A 93 12.20 18.73 -3.70
CA ASP A 93 12.76 20.06 -3.39
C ASP A 93 14.27 20.10 -3.54
N ALA A 94 14.94 18.99 -3.25
CA ALA A 94 16.39 18.92 -3.38
C ALA A 94 16.79 18.94 -4.88
N LEU A 95 16.28 17.97 -5.63
CA LEU A 95 16.59 17.85 -7.05
C LEU A 95 16.33 19.11 -7.87
N LYS A 96 15.29 19.86 -7.53
CA LYS A 96 14.96 21.08 -8.26
C LYS A 96 15.97 22.18 -7.95
N LYS A 97 16.68 22.01 -6.83
CA LYS A 97 17.68 22.97 -6.41
C LYS A 97 19.10 22.57 -6.83
N VAL A 98 19.21 21.51 -7.63
CA VAL A 98 20.51 21.08 -8.16
C VAL A 98 20.55 21.67 -9.57
N ILE A 99 19.35 21.89 -10.12
CA ILE A 99 19.19 22.47 -11.45
C ILE A 99 19.51 23.95 -11.28
N GLU A 100 19.02 24.52 -10.18
CA GLU A 100 19.25 25.93 -9.85
C GLU A 100 20.76 26.10 -9.77
N VAL A 101 21.42 25.06 -9.28
CA VAL A 101 22.87 25.06 -9.16
C VAL A 101 23.48 24.90 -10.54
N THR A 102 22.86 24.05 -11.35
CA THR A 102 23.32 23.79 -12.71
C THR A 102 23.04 24.98 -13.63
N ARG A 103 22.05 25.77 -13.27
CA ARG A 103 21.72 26.95 -14.06
C ARG A 103 22.66 28.10 -13.73
N MET A 104 23.22 28.07 -12.52
CA MET A 104 24.17 29.08 -12.14
C MET A 104 25.46 28.67 -12.87
N ILE A 105 25.57 27.37 -13.16
CA ILE A 105 26.72 26.84 -13.90
C ILE A 105 26.61 27.33 -15.34
N SER A 106 25.42 27.80 -15.71
CA SER A 106 25.19 28.31 -17.05
C SER A 106 25.90 29.66 -17.21
N ASN A 107 25.47 30.68 -16.45
CA ASN A 107 26.07 32.01 -16.52
C ASN A 107 27.54 31.98 -16.16
N SER A 108 27.86 31.34 -15.04
CA SER A 108 29.25 31.27 -14.59
C SER A 108 30.19 30.58 -15.58
N ALA A 109 29.73 29.53 -16.25
CA ALA A 109 30.58 28.85 -17.22
C ALA A 109 30.64 29.70 -18.48
N LYS A 110 29.58 30.48 -18.69
CA LYS A 110 29.46 31.38 -19.83
C LYS A 110 30.57 32.43 -19.86
N ASP A 111 30.95 32.93 -18.67
CA ASP A 111 32.00 33.94 -18.54
C ASP A 111 33.34 33.45 -19.12
N VAL A 112 33.38 32.18 -19.53
CA VAL A 112 34.58 31.58 -20.11
C VAL A 112 34.89 31.99 -21.55
N GLU A 113 33.89 32.07 -22.42
CA GLU A 113 34.17 32.47 -23.80
C GLU A 113 34.75 33.88 -23.88
N ARG A 114 34.51 34.68 -22.83
CA ARG A 114 35.05 36.03 -22.78
C ARG A 114 36.55 35.87 -22.58
N VAL A 115 36.91 34.88 -21.76
CA VAL A 115 38.30 34.56 -21.44
C VAL A 115 39.08 33.84 -22.56
N VAL A 116 38.44 32.85 -23.19
CA VAL A 116 39.09 32.09 -24.25
C VAL A 116 39.38 32.94 -25.47
N GLU A 117 38.43 33.79 -25.85
CA GLU A 117 38.57 34.65 -27.01
C GLU A 117 39.32 35.93 -26.72
N SER A 118 39.43 36.30 -25.45
CA SER A 118 40.17 37.49 -25.08
C SER A 118 41.65 37.15 -25.21
N PHE A 119 41.97 35.89 -24.96
CA PHE A 119 43.34 35.41 -25.08
C PHE A 119 43.62 35.01 -26.54
N GLN A 120 42.59 34.50 -27.20
CA GLN A 120 42.68 34.10 -28.59
C GLN A 120 42.94 35.34 -29.46
N LYS A 121 42.58 36.51 -28.93
CA LYS A 121 42.76 37.79 -29.61
C LYS A 121 44.26 38.11 -29.65
N GLY A 122 44.94 37.79 -28.56
CA GLY A 122 46.38 38.01 -28.48
C GLY A 122 47.10 36.94 -29.27
N ALA A 123 46.70 36.80 -30.53
CA ALA A 123 47.28 35.83 -31.44
C ALA A 123 47.97 36.68 -32.48
N GLU A 124 47.21 37.20 -33.44
CA GLU A 124 47.76 38.04 -34.50
C GLU A 124 48.32 39.30 -33.87
N GLU A 125 47.75 39.68 -32.74
CA GLU A 125 48.19 40.84 -32.02
C GLU A 125 49.66 40.57 -31.70
N ILE A 126 49.92 39.62 -30.80
CA ILE A 126 51.29 39.29 -30.42
C ILE A 126 52.11 38.66 -31.54
N THR A 127 51.50 37.78 -32.34
CA THR A 127 52.19 37.14 -33.45
C THR A 127 52.65 38.18 -34.48
N SER A 128 51.76 39.09 -34.88
CA SER A 128 52.15 40.12 -35.84
C SER A 128 53.18 41.08 -35.21
N PHE A 129 53.08 41.32 -33.90
CA PHE A 129 54.02 42.19 -33.19
C PHE A 129 55.38 41.54 -33.24
N VAL A 130 55.38 40.21 -33.27
CA VAL A 130 56.61 39.43 -33.35
C VAL A 130 57.04 39.27 -34.80
N GLU A 131 56.09 39.06 -35.71
CA GLU A 131 56.43 38.91 -37.12
C GLU A 131 57.11 40.18 -37.61
N THR A 132 56.77 41.31 -36.99
CA THR A 132 57.37 42.59 -37.37
C THR A 132 58.80 42.62 -36.86
N ILE A 133 59.00 42.12 -35.65
CA ILE A 133 60.31 42.10 -35.07
C ILE A 133 61.26 41.15 -35.80
N ASN A 134 60.71 40.20 -36.54
CA ASN A 134 61.52 39.29 -37.31
C ASN A 134 62.01 40.10 -38.50
N ALA A 135 61.07 40.71 -39.20
CA ALA A 135 61.39 41.52 -40.36
C ALA A 135 62.50 42.51 -40.02
N ILE A 136 62.28 43.35 -39.01
CA ILE A 136 63.29 44.33 -38.57
C ILE A 136 64.66 43.66 -38.35
N ALA A 137 64.65 42.51 -37.68
CA ALA A 137 65.88 41.77 -37.35
C ALA A 137 66.67 41.25 -38.56
N GLU A 138 65.97 40.61 -39.50
CA GLU A 138 66.64 40.07 -40.69
C GLU A 138 67.14 41.17 -41.62
N GLN A 139 66.49 42.33 -41.53
CA GLN A 139 66.89 43.48 -42.32
C GLN A 139 68.09 44.16 -41.68
N THR A 140 68.11 44.23 -40.35
CA THR A 140 69.26 44.83 -39.68
C THR A 140 70.45 43.93 -39.96
N ASN A 141 70.20 42.64 -39.94
CA ASN A 141 71.23 41.63 -40.18
C ASN A 141 71.83 41.77 -41.57
N LEU A 142 71.00 41.84 -42.60
CA LEU A 142 71.49 41.99 -43.97
C LEU A 142 72.17 43.35 -44.13
N LEU A 143 71.58 44.36 -43.49
CA LEU A 143 72.11 45.73 -43.52
C LEU A 143 73.50 45.74 -42.86
N ALA A 144 73.56 45.20 -41.65
CA ALA A 144 74.82 45.16 -40.90
C ALA A 144 75.92 44.42 -41.62
N LEU A 145 75.62 43.20 -42.11
CA LEU A 145 76.63 42.42 -42.83
C LEU A 145 77.15 43.17 -44.07
N ASN A 146 76.30 43.96 -44.72
CA ASN A 146 76.75 44.70 -45.88
C ASN A 146 77.79 45.77 -45.56
N ALA A 147 77.62 46.49 -44.45
CA ALA A 147 78.63 47.49 -44.08
C ALA A 147 79.93 46.71 -43.82
N ALA A 148 79.88 45.75 -42.88
CA ALA A 148 81.01 44.91 -42.49
C ALA A 148 81.77 44.32 -43.71
N ILE A 149 81.08 43.66 -44.63
CA ILE A 149 81.78 43.14 -45.80
C ILE A 149 82.29 44.29 -46.67
N GLU A 150 81.45 45.29 -46.96
CA GLU A 150 81.87 46.45 -47.75
C GLU A 150 82.93 47.34 -47.10
N ALA A 151 82.85 47.51 -45.79
CA ALA A 151 83.83 48.32 -45.05
C ALA A 151 85.22 47.67 -45.08
N ALA A 152 85.26 46.35 -44.86
CA ALA A 152 86.50 45.59 -44.85
C ALA A 152 87.28 45.73 -46.15
N ARG A 153 86.57 45.95 -47.26
CA ARG A 153 87.18 46.09 -48.58
C ARG A 153 88.06 47.33 -48.77
N ALA A 154 88.01 48.28 -47.84
CA ALA A 154 88.86 49.48 -47.92
C ALA A 154 90.20 49.17 -47.26
N GLY A 155 90.16 48.88 -45.96
CA GLY A 155 91.37 48.56 -45.22
C GLY A 155 91.40 49.11 -43.80
N GLU A 156 92.48 49.81 -43.49
CA GLU A 156 92.74 50.43 -42.18
C GLU A 156 91.52 50.84 -41.34
N ALA A 157 90.89 51.97 -41.71
CA ALA A 157 89.71 52.50 -40.99
C ALA A 157 88.50 51.58 -41.07
N GLY A 158 88.44 50.77 -42.13
CA GLY A 158 87.33 49.85 -42.28
C GLY A 158 87.31 48.85 -41.14
N ARG A 159 88.47 48.68 -40.51
CA ARG A 159 88.64 47.78 -39.38
C ARG A 159 87.61 48.19 -38.34
N GLY A 160 87.67 49.47 -37.96
CA GLY A 160 86.76 50.00 -36.97
C GLY A 160 85.28 49.87 -37.31
N PHE A 161 84.93 50.08 -38.58
CA PHE A 161 83.54 50.01 -39.03
C PHE A 161 83.03 48.56 -39.06
N ALA A 162 83.86 47.68 -39.60
CA ALA A 162 83.56 46.25 -39.72
C ALA A 162 83.31 45.67 -38.33
N VAL A 163 84.10 46.11 -37.35
CA VAL A 163 83.90 45.66 -35.97
C VAL A 163 82.48 45.98 -35.46
N VAL A 164 82.10 47.26 -35.41
CA VAL A 164 80.77 47.63 -34.92
C VAL A 164 79.69 47.02 -35.80
N ALA A 165 79.82 47.13 -37.13
CA ALA A 165 78.81 46.53 -38.03
C ALA A 165 78.65 45.04 -37.73
N ASP A 166 79.76 44.35 -37.47
CA ASP A 166 79.68 42.94 -37.16
C ASP A 166 79.06 42.65 -35.79
N GLU A 167 79.30 43.52 -34.80
CA GLU A 167 78.68 43.27 -33.50
C GLU A 167 77.18 43.53 -33.62
N ILE A 168 76.80 44.52 -34.43
CA ILE A 168 75.39 44.85 -34.66
C ILE A 168 74.75 43.64 -35.32
N ARG A 169 75.41 43.07 -36.32
CA ARG A 169 74.88 41.87 -36.97
C ARG A 169 74.71 40.72 -35.94
N LYS A 170 75.71 40.50 -35.08
CA LYS A 170 75.60 39.45 -34.04
C LYS A 170 74.35 39.66 -33.20
N LEU A 171 74.12 40.90 -32.76
CA LEU A 171 72.94 41.23 -31.96
C LEU A 171 71.70 41.06 -32.80
N ALA A 172 71.81 41.36 -34.10
CA ALA A 172 70.68 41.26 -35.02
C ALA A 172 70.15 39.85 -35.06
N GLU A 173 71.07 38.88 -35.10
CA GLU A 173 70.67 37.48 -35.12
C GLU A 173 70.37 36.92 -33.72
N GLU A 174 70.61 37.72 -32.68
CA GLU A 174 70.28 37.33 -31.32
C GLU A 174 68.78 37.62 -31.21
N SER A 175 68.32 38.68 -31.87
CA SER A 175 66.90 39.04 -31.88
C SER A 175 66.10 38.03 -32.68
N GLN A 176 66.75 37.41 -33.66
CA GLN A 176 66.08 36.42 -34.48
C GLN A 176 65.90 35.12 -33.69
N GLN A 177 66.84 34.85 -32.79
CA GLN A 177 66.75 33.67 -31.97
C GLN A 177 65.66 33.93 -30.94
N ALA A 178 65.63 35.15 -30.40
CA ALA A 178 64.63 35.52 -29.42
C ALA A 178 63.23 35.43 -30.02
N SER A 179 63.11 35.85 -31.28
CA SER A 179 61.81 35.81 -31.97
C SER A 179 61.33 34.41 -32.33
N GLU A 180 62.24 33.51 -32.66
CA GLU A 180 61.85 32.14 -33.00
C GLU A 180 61.51 31.34 -31.73
N ASN A 181 61.74 31.95 -30.57
CA ASN A 181 61.43 31.30 -29.29
C ASN A 181 60.08 31.83 -28.78
N VAL A 182 59.88 33.13 -28.94
CA VAL A 182 58.66 33.82 -28.55
C VAL A 182 57.54 33.34 -29.48
N ARG A 183 57.93 32.59 -30.51
CA ARG A 183 56.98 32.07 -31.46
C ARG A 183 56.40 30.75 -31.00
N ARG A 184 57.26 29.83 -30.56
CA ARG A 184 56.77 28.53 -30.09
C ARG A 184 55.79 28.69 -28.94
N VAL A 185 56.02 29.68 -28.08
CA VAL A 185 55.12 29.92 -26.94
C VAL A 185 53.80 30.54 -27.37
N VAL A 186 53.83 31.41 -28.39
CA VAL A 186 52.61 32.03 -28.88
C VAL A 186 51.79 31.01 -29.66
N ASN A 187 52.46 29.99 -30.19
CA ASN A 187 51.77 28.92 -30.92
C ASN A 187 51.20 27.90 -29.94
N GLU A 188 51.87 27.72 -28.80
CA GLU A 188 51.41 26.80 -27.76
C GLU A 188 50.16 27.46 -27.20
N ILE A 189 50.29 28.74 -26.88
CA ILE A 189 49.21 29.57 -26.35
C ILE A 189 47.98 29.41 -27.23
N ARG A 190 48.23 29.28 -28.52
CA ARG A 190 47.17 29.09 -29.51
C ARG A 190 46.34 27.84 -29.23
N SER A 191 46.99 26.68 -29.19
CA SER A 191 46.30 25.42 -28.93
C SER A 191 45.63 25.44 -27.57
N ILE A 192 46.37 25.84 -26.54
CA ILE A 192 45.82 25.91 -25.21
C ILE A 192 44.67 26.90 -25.16
N ALA A 193 44.59 27.77 -26.17
CA ALA A 193 43.51 28.76 -26.23
C ALA A 193 42.36 28.18 -27.05
N GLU A 194 42.69 27.65 -28.23
CA GLU A 194 41.69 27.08 -29.11
C GLU A 194 41.13 25.76 -28.62
N ASP A 195 42.00 24.84 -28.24
CA ASP A 195 41.55 23.54 -27.70
C ASP A 195 40.65 23.74 -26.45
N ALA A 196 40.66 24.97 -25.93
CA ALA A 196 39.86 25.34 -24.75
C ALA A 196 38.39 25.62 -25.12
N GLY A 197 38.16 26.00 -26.38
CA GLY A 197 36.80 26.27 -26.82
C GLY A 197 36.08 24.94 -26.92
N LYS A 198 36.86 23.87 -27.01
CA LYS A 198 36.37 22.49 -27.11
C LYS A 198 35.80 22.01 -25.76
N VAL A 199 36.29 22.58 -24.66
CA VAL A 199 35.80 22.22 -23.34
C VAL A 199 34.54 23.01 -22.99
N SER A 200 34.46 24.25 -23.50
CA SER A 200 33.31 25.12 -23.28
C SER A 200 32.09 24.53 -23.97
N SER A 201 32.36 23.71 -24.98
CA SER A 201 31.32 23.05 -25.75
C SER A 201 30.97 21.73 -25.08
N GLU A 202 31.88 21.21 -24.26
CA GLU A 202 31.64 19.97 -23.54
C GLU A 202 30.90 20.21 -22.23
N ILE A 203 31.25 21.29 -21.53
CA ILE A 203 30.60 21.66 -20.29
C ILE A 203 29.18 22.16 -20.55
N THR A 204 28.97 22.79 -21.70
CA THR A 204 27.65 23.30 -22.05
C THR A 204 26.75 22.13 -22.43
N ALA A 205 27.33 21.13 -23.11
CA ALA A 205 26.62 19.92 -23.52
C ALA A 205 26.26 19.10 -22.28
N ARG A 206 27.23 18.98 -21.38
CA ARG A 206 27.06 18.23 -20.14
C ARG A 206 26.22 19.00 -19.11
N VAL A 207 25.99 20.29 -19.37
CA VAL A 207 25.16 21.12 -18.50
C VAL A 207 23.71 20.84 -18.83
N GLU A 208 23.43 20.69 -20.11
CA GLU A 208 22.07 20.44 -20.58
C GLU A 208 21.69 18.97 -20.42
N GLU A 209 22.57 18.05 -20.81
CA GLU A 209 22.26 16.63 -20.70
C GLU A 209 22.09 16.21 -19.24
N GLY A 210 22.82 16.87 -18.35
CA GLY A 210 22.71 16.54 -16.94
C GLY A 210 21.58 17.27 -16.26
N THR A 211 21.23 18.47 -16.74
CA THR A 211 20.16 19.27 -16.15
C THR A 211 18.76 18.69 -16.37
N LYS A 212 18.40 18.45 -17.64
CA LYS A 212 17.08 17.93 -17.94
C LYS A 212 16.99 16.47 -17.49
N LEU A 213 18.14 15.82 -17.42
CA LEU A 213 18.18 14.43 -16.96
C LEU A 213 17.85 14.35 -15.49
N ALA A 214 17.98 15.48 -14.78
CA ALA A 214 17.67 15.52 -13.35
C ALA A 214 16.15 15.57 -13.20
N ASP A 215 15.51 16.33 -14.08
CA ASP A 215 14.05 16.45 -14.09
C ASP A 215 13.31 15.18 -14.52
N GLU A 216 14.05 14.09 -14.71
CA GLU A 216 13.46 12.80 -15.07
C GLU A 216 13.14 12.11 -13.75
N ALA A 217 14.01 12.31 -12.77
CA ALA A 217 13.82 11.76 -11.44
C ALA A 217 12.66 12.52 -10.77
N ASP A 218 12.57 13.82 -11.03
CA ASP A 218 11.51 14.67 -10.46
C ASP A 218 10.12 14.20 -10.86
N GLU A 219 9.96 13.74 -12.10
CA GLU A 219 8.67 13.23 -12.56
C GLU A 219 8.44 11.88 -11.90
N LYS A 220 9.50 11.06 -11.84
CA LYS A 220 9.41 9.75 -11.20
C LYS A 220 9.01 9.91 -9.74
N LEU A 221 9.49 10.97 -9.10
CA LEU A 221 9.15 11.27 -7.72
C LEU A 221 7.66 11.65 -7.66
N ASN A 222 7.22 12.38 -8.68
CA ASN A 222 5.82 12.80 -8.78
C ASN A 222 4.92 11.59 -8.96
N SER A 223 5.43 10.60 -9.70
CA SER A 223 4.67 9.40 -9.95
C SER A 223 4.55 8.52 -8.70
N ILE A 224 5.54 8.57 -7.79
CA ILE A 224 5.39 7.77 -6.58
C ILE A 224 4.35 8.44 -5.68
N VAL A 225 4.33 9.77 -5.65
CA VAL A 225 3.35 10.52 -4.86
C VAL A 225 1.95 10.07 -5.27
N GLY A 226 1.70 10.05 -6.58
CA GLY A 226 0.42 9.61 -7.10
C GLY A 226 0.24 8.17 -6.72
N ALA A 227 1.24 7.35 -6.96
CA ALA A 227 1.14 5.94 -6.61
C ALA A 227 0.79 5.83 -5.11
N VAL A 228 1.50 6.58 -4.28
CA VAL A 228 1.27 6.55 -2.83
C VAL A 228 -0.10 7.11 -2.42
N GLU A 229 -0.61 8.13 -3.10
CA GLU A 229 -1.94 8.63 -2.75
C GLU A 229 -3.05 7.68 -3.18
N ARG A 230 -2.71 6.73 -4.04
CA ARG A 230 -3.66 5.72 -4.48
C ARG A 230 -3.65 4.65 -3.39
N ILE A 231 -2.46 4.35 -2.88
CA ILE A 231 -2.32 3.36 -1.82
C ILE A 231 -3.14 3.83 -0.63
N ASN A 232 -2.94 5.08 -0.22
CA ASN A 232 -3.69 5.67 0.90
C ASN A 232 -5.18 5.55 0.59
N GLU A 233 -5.56 5.84 -0.66
CA GLU A 233 -6.97 5.74 -1.07
C GLU A 233 -7.47 4.31 -0.88
N MET A 234 -6.55 3.35 -1.08
CA MET A 234 -6.87 1.95 -0.91
C MET A 234 -7.03 1.60 0.58
N LEU A 235 -6.13 2.10 1.44
CA LEU A 235 -6.23 1.85 2.88
C LEU A 235 -7.54 2.42 3.42
N GLN A 236 -7.95 3.55 2.87
CA GLN A 236 -9.19 4.21 3.27
C GLN A 236 -10.44 3.37 2.91
N ASN A 237 -10.39 2.65 1.81
CA ASN A 237 -11.52 1.79 1.43
C ASN A 237 -11.51 0.63 2.43
N ILE A 238 -10.30 0.23 2.80
CA ILE A 238 -10.14 -0.84 3.74
C ILE A 238 -10.69 -0.46 5.12
N ALA A 239 -10.58 0.80 5.51
CA ALA A 239 -11.12 1.23 6.80
C ALA A 239 -12.61 0.95 6.81
N ALA A 240 -13.26 1.43 5.75
CA ALA A 240 -14.70 1.30 5.59
C ALA A 240 -15.16 -0.17 5.58
N ALA A 241 -14.37 -1.06 4.96
CA ALA A 241 -14.73 -2.48 4.93
C ALA A 241 -14.70 -2.99 6.36
N ILE A 242 -13.66 -2.57 7.09
CA ILE A 242 -13.47 -2.91 8.50
C ILE A 242 -14.64 -2.43 9.34
N GLU A 243 -15.10 -1.22 9.07
CA GLU A 243 -16.26 -0.71 9.79
C GLU A 243 -17.45 -1.63 9.51
N GLU A 244 -17.63 -2.03 8.25
CA GLU A 244 -18.77 -2.90 7.90
C GLU A 244 -18.62 -4.25 8.58
N GLN A 245 -17.37 -4.71 8.67
CA GLN A 245 -17.08 -5.97 9.31
C GLN A 245 -17.32 -5.92 10.80
N THR A 246 -17.02 -4.80 11.44
CA THR A 246 -17.24 -4.71 12.87
C THR A 246 -18.73 -4.67 13.16
N ALA A 247 -19.49 -3.99 12.32
CA ALA A 247 -20.93 -3.90 12.53
C ALA A 247 -21.61 -5.22 12.25
N ALA A 248 -21.23 -5.87 11.15
CA ALA A 248 -21.83 -7.15 10.79
C ALA A 248 -21.52 -8.20 11.84
N VAL A 249 -20.29 -8.23 12.35
CA VAL A 249 -19.98 -9.24 13.37
C VAL A 249 -20.82 -9.02 14.61
N ASP A 250 -21.04 -7.76 14.98
CA ASP A 250 -21.83 -7.49 16.16
C ASP A 250 -23.25 -8.00 16.02
N GLU A 251 -23.99 -7.56 15.01
CA GLU A 251 -25.37 -8.04 14.87
C GLU A 251 -25.45 -9.58 14.86
N ILE A 252 -24.35 -10.25 14.48
CA ILE A 252 -24.32 -11.70 14.48
C ILE A 252 -24.29 -12.19 15.94
N THR A 253 -23.41 -11.60 16.75
CA THR A 253 -23.33 -12.02 18.13
C THR A 253 -24.61 -11.74 18.93
N THR A 254 -25.39 -10.77 18.48
CA THR A 254 -26.65 -10.46 19.17
C THR A 254 -27.64 -11.52 18.75
N ALA A 255 -27.68 -11.80 17.46
CA ALA A 255 -28.55 -12.85 16.93
C ALA A 255 -28.18 -14.20 17.57
N MET A 256 -26.92 -14.35 18.00
CA MET A 256 -26.51 -15.62 18.63
C MET A 256 -26.83 -15.77 20.11
N THR A 257 -26.89 -14.66 20.85
CA THR A 257 -27.23 -14.70 22.27
C THR A 257 -28.75 -14.90 22.32
N GLU A 258 -29.44 -14.34 21.32
CA GLU A 258 -30.88 -14.45 21.20
C GLU A 258 -31.31 -15.92 21.01
N ASN A 259 -30.49 -16.73 20.32
CA ASN A 259 -30.76 -18.16 20.10
C ASN A 259 -30.61 -18.96 21.37
N ALA A 260 -29.62 -18.61 22.19
CA ALA A 260 -29.39 -19.29 23.46
C ALA A 260 -30.62 -19.02 24.36
N LYS A 261 -31.14 -17.80 24.29
CA LYS A 261 -32.30 -17.39 25.08
C LYS A 261 -33.62 -17.99 24.58
N ASN A 262 -33.66 -18.43 23.32
CA ASN A 262 -34.89 -19.02 22.79
C ASN A 262 -34.84 -20.54 22.83
N ALA A 263 -33.65 -21.11 22.69
CA ALA A 263 -33.49 -22.56 22.76
C ALA A 263 -33.74 -23.00 24.21
N GLU A 264 -33.38 -22.13 25.17
CA GLU A 264 -33.56 -22.39 26.60
C GLU A 264 -35.05 -22.48 26.92
N GLU A 265 -35.81 -21.51 26.44
CA GLU A 265 -37.26 -21.49 26.67
C GLU A 265 -38.00 -22.63 25.97
N ILE A 266 -37.44 -23.19 24.91
CA ILE A 266 -38.06 -24.34 24.25
C ILE A 266 -37.74 -25.54 25.14
N THR A 267 -36.49 -25.66 25.57
CA THR A 267 -36.08 -26.75 26.47
C THR A 267 -36.96 -26.75 27.73
N ASN A 268 -37.26 -25.56 28.25
CA ASN A 268 -38.12 -25.47 29.42
C ASN A 268 -39.58 -25.78 29.08
N SER A 269 -40.04 -25.43 27.87
CA SER A 269 -41.42 -25.70 27.47
C SER A 269 -41.55 -27.20 27.23
N VAL A 270 -40.52 -27.80 26.65
CA VAL A 270 -40.51 -29.25 26.43
C VAL A 270 -40.63 -29.92 27.80
N LYS A 271 -39.86 -29.42 28.76
CA LYS A 271 -39.90 -29.92 30.13
C LYS A 271 -41.32 -29.88 30.68
N GLU A 272 -42.00 -28.76 30.48
CA GLU A 272 -43.35 -28.63 30.98
C GLU A 272 -44.26 -29.59 30.28
N VAL A 273 -44.01 -29.77 28.99
CA VAL A 273 -44.85 -30.67 28.21
C VAL A 273 -44.75 -32.09 28.74
N ASN A 274 -43.52 -32.53 28.97
CA ASN A 274 -43.28 -33.89 29.47
C ASN A 274 -43.96 -34.17 30.81
N ALA A 275 -43.99 -33.18 31.68
CA ALA A 275 -44.62 -33.38 32.97
C ALA A 275 -46.09 -33.57 32.70
N ARG A 276 -46.66 -32.64 31.94
CA ARG A 276 -48.07 -32.66 31.59
C ARG A 276 -48.50 -33.98 30.93
N LEU A 277 -47.58 -34.60 30.19
CA LEU A 277 -47.82 -35.89 29.57
C LEU A 277 -47.82 -36.95 30.65
N GLN A 278 -46.87 -36.90 31.58
CA GLN A 278 -46.84 -37.88 32.66
C GLN A 278 -48.11 -37.83 33.50
N GLU A 279 -48.79 -36.68 33.53
CA GLU A 279 -50.06 -36.58 34.27
C GLU A 279 -51.24 -37.11 33.44
N ILE A 280 -51.13 -37.02 32.10
CA ILE A 280 -52.17 -37.54 31.21
C ILE A 280 -52.15 -39.05 31.38
N SER A 281 -50.94 -39.61 31.40
CA SER A 281 -50.73 -41.04 31.57
C SER A 281 -51.31 -41.55 32.89
N ALA A 282 -51.36 -40.66 33.89
CA ALA A 282 -51.89 -40.99 35.21
C ALA A 282 -53.39 -41.24 35.14
N SER A 283 -54.11 -40.25 34.64
CA SER A 283 -55.55 -40.35 34.51
C SER A 283 -55.97 -41.50 33.57
N THR A 284 -55.15 -41.75 32.55
CA THR A 284 -55.37 -42.82 31.57
C THR A 284 -55.24 -44.16 32.25
N GLU A 285 -54.40 -44.19 33.28
CA GLU A 285 -54.14 -45.36 34.09
C GLU A 285 -55.38 -45.61 34.98
N GLU A 286 -56.00 -44.53 35.45
CA GLU A 286 -57.17 -44.61 36.31
C GLU A 286 -58.42 -45.07 35.53
N VAL A 287 -58.45 -44.84 34.22
CA VAL A 287 -59.60 -45.34 33.45
C VAL A 287 -59.41 -46.83 33.19
N THR A 288 -58.17 -47.24 32.92
CA THR A 288 -57.89 -48.65 32.68
C THR A 288 -58.24 -49.48 33.91
N SER A 289 -57.85 -49.00 35.08
CA SER A 289 -58.13 -49.72 36.33
C SER A 289 -59.62 -49.75 36.68
N ARG A 290 -60.37 -48.78 36.17
CA ARG A 290 -61.81 -48.70 36.45
C ARG A 290 -62.64 -49.40 35.39
N VAL A 291 -62.03 -49.73 34.25
CA VAL A 291 -62.75 -50.45 33.22
C VAL A 291 -62.87 -51.89 33.71
N GLN A 292 -62.15 -52.21 34.77
CA GLN A 292 -62.20 -53.53 35.38
C GLN A 292 -63.37 -53.60 36.34
N THR A 293 -63.46 -52.62 37.22
CA THR A 293 -64.53 -52.58 38.21
C THR A 293 -65.92 -52.47 37.59
N ILE A 294 -65.99 -52.18 36.29
CA ILE A 294 -67.26 -52.06 35.60
C ILE A 294 -67.55 -53.33 34.83
N ARG A 295 -66.52 -53.89 34.18
CA ARG A 295 -66.72 -55.12 33.42
C ARG A 295 -67.04 -56.26 34.37
N GLU A 296 -66.32 -56.32 35.49
CA GLU A 296 -66.55 -57.37 36.46
C GLU A 296 -68.01 -57.29 36.92
N ASN A 297 -68.48 -56.07 37.16
CA ASN A 297 -69.84 -55.79 37.62
C ASN A 297 -70.87 -55.88 36.51
N VAL A 298 -70.42 -55.85 35.26
CA VAL A 298 -71.33 -55.93 34.12
C VAL A 298 -71.62 -57.38 33.73
N GLN A 299 -70.81 -58.31 34.23
CA GLN A 299 -71.04 -59.72 33.93
C GLN A 299 -71.46 -60.42 35.22
N MET A 300 -71.52 -59.65 36.29
CA MET A 300 -71.95 -60.17 37.58
C MET A 300 -73.47 -60.00 37.60
N LEU A 301 -73.99 -59.32 36.58
CA LEU A 301 -75.43 -59.08 36.43
C LEU A 301 -76.01 -60.13 35.49
N LYS A 302 -75.12 -60.95 34.93
CA LYS A 302 -75.52 -62.03 34.03
C LYS A 302 -76.17 -63.15 34.82
N GLU A 303 -75.47 -63.65 35.83
CA GLU A 303 -75.97 -64.74 36.68
C GLU A 303 -77.21 -64.37 37.49
N ILE A 304 -77.56 -63.09 37.49
CA ILE A 304 -78.75 -62.62 38.19
C ILE A 304 -79.93 -62.62 37.21
N VAL A 305 -79.63 -62.69 35.91
CA VAL A 305 -80.69 -62.73 34.89
C VAL A 305 -81.00 -64.20 34.58
N ALA A 306 -79.98 -65.05 34.64
CA ALA A 306 -80.15 -66.47 34.40
C ALA A 306 -81.08 -67.06 35.45
N ARG A 307 -80.92 -66.60 36.70
CA ARG A 307 -81.72 -67.08 37.84
C ARG A 307 -83.10 -66.42 37.94
N TYR A 308 -83.15 -65.22 38.52
CA TYR A 308 -84.42 -64.50 38.68
C TYR A 308 -85.32 -64.29 37.46
N LYS A 309 -84.72 -64.09 36.29
CA LYS A 309 -85.46 -63.92 35.03
C LYS A 309 -85.48 -65.23 34.24
N SER B 2 -85.36 -60.65 47.06
CA SER B 2 -84.29 -60.31 48.06
C SER B 2 -82.94 -60.00 47.45
N HIS B 3 -82.59 -60.81 46.45
CA HIS B 3 -81.28 -60.68 45.80
C HIS B 3 -81.03 -59.42 45.00
N MET B 4 -81.97 -58.49 45.00
CA MET B 4 -81.76 -57.15 44.37
C MET B 4 -80.80 -56.43 45.32
N LYS B 5 -79.97 -57.24 45.98
CA LYS B 5 -78.91 -56.89 46.92
C LYS B 5 -77.68 -56.65 45.97
N ASP B 6 -77.37 -57.66 45.17
CA ASP B 6 -76.26 -57.59 44.21
C ASP B 6 -76.52 -56.66 43.04
N VAL B 7 -77.78 -56.33 42.82
CA VAL B 7 -78.11 -55.40 41.75
C VAL B 7 -77.65 -54.03 42.21
N GLN B 8 -77.89 -53.73 43.49
CA GLN B 8 -77.50 -52.45 44.07
C GLN B 8 -75.99 -52.36 44.31
N THR B 9 -75.40 -53.44 44.84
CA THR B 9 -73.96 -53.46 45.11
C THR B 9 -73.17 -53.38 43.80
N GLU B 10 -73.82 -53.70 42.69
CA GLU B 10 -73.19 -53.63 41.39
C GLU B 10 -73.56 -52.33 40.68
N THR B 11 -74.76 -51.83 40.92
CA THR B 11 -75.17 -50.56 40.31
C THR B 11 -74.62 -49.40 41.17
N PHE B 12 -73.87 -49.77 42.22
CA PHE B 12 -73.25 -48.84 43.16
C PHE B 12 -71.81 -48.63 42.70
N SER B 13 -71.18 -49.73 42.28
CA SER B 13 -69.81 -49.68 41.84
C SER B 13 -69.69 -49.11 40.42
N VAL B 14 -70.62 -49.47 39.55
CA VAL B 14 -70.59 -48.97 38.19
C VAL B 14 -70.93 -47.48 38.16
N ALA B 15 -71.37 -46.94 39.30
CA ALA B 15 -71.71 -45.52 39.44
C ALA B 15 -70.53 -44.79 40.06
N GLU B 16 -69.75 -45.52 40.84
CA GLU B 16 -68.59 -44.96 41.54
C GLU B 16 -67.35 -44.96 40.64
N SER B 17 -67.45 -45.63 39.50
CA SER B 17 -66.33 -45.69 38.57
C SER B 17 -66.51 -44.74 37.41
N ILE B 18 -67.72 -44.71 36.85
CA ILE B 18 -67.99 -43.80 35.75
C ILE B 18 -67.63 -42.40 36.28
N GLU B 19 -67.82 -42.24 37.60
CA GLU B 19 -67.54 -41.00 38.31
C GLU B 19 -66.06 -40.65 38.20
N GLU B 20 -65.19 -41.64 38.35
CA GLU B 20 -63.75 -41.37 38.23
C GLU B 20 -63.29 -41.22 36.79
N ILE B 21 -63.92 -41.97 35.88
CA ILE B 21 -63.57 -41.86 34.45
C ILE B 21 -63.78 -40.38 34.08
N SER B 22 -64.98 -39.87 34.39
CA SER B 22 -65.34 -38.47 34.12
C SER B 22 -64.25 -37.55 34.66
N LYS B 23 -63.85 -37.80 35.91
CA LYS B 23 -62.81 -36.99 36.53
C LYS B 23 -61.50 -37.18 35.80
N ALA B 24 -61.12 -38.42 35.51
CA ALA B 24 -59.88 -38.69 34.78
C ALA B 24 -59.95 -38.00 33.42
N ASN B 25 -61.11 -38.07 32.78
CA ASN B 25 -61.29 -37.46 31.48
C ASN B 25 -61.19 -35.93 31.55
N GLU B 26 -61.57 -35.35 32.69
CA GLU B 26 -61.45 -33.91 32.91
C GLU B 26 -59.97 -33.57 33.12
N GLU B 27 -59.25 -34.38 33.89
CA GLU B 27 -57.83 -34.10 34.08
C GLU B 27 -57.11 -34.14 32.71
N ILE B 28 -57.43 -35.16 31.90
CA ILE B 28 -56.87 -35.32 30.56
C ILE B 28 -57.18 -34.06 29.72
N THR B 29 -58.44 -33.61 29.76
CA THR B 29 -58.81 -32.43 28.98
C THR B 29 -58.08 -31.18 29.42
N ASN B 30 -57.94 -30.98 30.72
CA ASN B 30 -57.18 -29.83 31.19
C ASN B 30 -55.71 -29.85 30.76
N GLN B 31 -55.03 -30.97 30.96
CA GLN B 31 -53.62 -31.09 30.58
C GLN B 31 -53.45 -30.82 29.11
N LEU B 32 -54.36 -31.38 28.33
CA LEU B 32 -54.38 -31.21 26.88
C LEU B 32 -54.37 -29.71 26.54
N LEU B 33 -55.14 -28.94 27.29
CA LEU B 33 -55.24 -27.49 27.08
C LEU B 33 -53.97 -26.77 27.49
N GLY B 34 -53.19 -27.37 28.37
CA GLY B 34 -51.94 -26.75 28.79
C GLY B 34 -50.87 -27.03 27.75
N ILE B 35 -50.83 -28.29 27.26
CA ILE B 35 -49.86 -28.67 26.23
C ILE B 35 -50.05 -27.81 24.97
N SER B 36 -51.29 -27.67 24.50
CA SER B 36 -51.53 -26.86 23.29
C SER B 36 -50.94 -25.50 23.52
N LYS B 37 -51.20 -24.97 24.71
CA LYS B 37 -50.67 -23.68 25.11
C LYS B 37 -49.14 -23.72 25.06
N GLU B 38 -48.51 -24.64 25.78
CA GLU B 38 -47.04 -24.73 25.76
C GLU B 38 -46.50 -25.00 24.35
N MET B 39 -47.27 -25.77 23.57
CA MET B 39 -46.96 -26.11 22.19
C MET B 39 -46.90 -24.85 21.32
N ASP B 40 -47.95 -24.04 21.35
CA ASP B 40 -48.00 -22.82 20.56
C ASP B 40 -46.90 -21.82 20.97
N ASN B 41 -46.25 -22.07 22.09
CA ASN B 41 -45.14 -21.24 22.56
C ASN B 41 -43.82 -21.69 21.92
N ILE B 42 -43.69 -22.97 21.64
CA ILE B 42 -42.48 -23.45 20.97
C ILE B 42 -42.44 -22.84 19.56
N SER B 43 -43.63 -22.66 18.96
CA SER B 43 -43.76 -22.06 17.62
C SER B 43 -43.18 -20.67 17.58
N THR B 44 -43.58 -19.85 18.55
CA THR B 44 -43.10 -18.47 18.70
C THR B 44 -41.57 -18.40 18.81
N ARG B 45 -41.00 -19.15 19.77
CA ARG B 45 -39.55 -19.21 19.97
C ARG B 45 -38.86 -19.73 18.73
N ILE B 46 -39.46 -20.71 18.05
CA ILE B 46 -38.86 -21.21 16.81
C ILE B 46 -38.83 -20.12 15.75
N GLU B 47 -39.93 -19.38 15.58
CA GLU B 47 -39.98 -18.28 14.61
C GLU B 47 -38.84 -17.30 14.92
N SER B 48 -38.65 -17.04 16.21
CA SER B 48 -37.56 -16.17 16.65
C SER B 48 -36.17 -16.74 16.34
N ILE B 49 -36.03 -18.07 16.47
CA ILE B 49 -34.76 -18.73 16.18
C ILE B 49 -34.51 -18.61 14.67
N SER B 50 -35.55 -18.77 13.86
CA SER B 50 -35.40 -18.65 12.41
C SER B 50 -34.87 -17.26 12.02
N ALA B 51 -35.42 -16.22 12.63
CA ALA B 51 -34.98 -14.83 12.39
C ALA B 51 -33.50 -14.73 12.68
N SER B 52 -33.08 -15.16 13.86
CA SER B 52 -31.65 -15.09 14.22
C SER B 52 -30.81 -15.75 13.14
N VAL B 53 -31.32 -16.87 12.58
CA VAL B 53 -30.60 -17.58 11.51
C VAL B 53 -30.49 -16.69 10.28
N GLN B 54 -31.58 -16.03 9.88
CA GLN B 54 -31.51 -15.12 8.72
C GLN B 54 -30.63 -13.91 9.04
N GLU B 55 -30.71 -13.39 10.26
CA GLU B 55 -29.88 -12.25 10.59
C GLU B 55 -28.41 -12.64 10.53
N THR B 56 -28.10 -13.83 11.05
CA THR B 56 -26.74 -14.34 11.00
C THR B 56 -26.28 -14.58 9.57
N THR B 57 -27.11 -15.24 8.75
CA THR B 57 -26.72 -15.44 7.35
C THR B 57 -26.40 -14.13 6.62
N ALA B 58 -27.27 -13.14 6.81
CA ALA B 58 -27.08 -11.81 6.21
C ALA B 58 -25.81 -11.20 6.76
N GLY B 59 -25.65 -11.27 8.08
CA GLY B 59 -24.44 -10.73 8.70
C GLY B 59 -23.22 -11.42 8.15
N SER B 60 -23.29 -12.74 8.08
CA SER B 60 -22.20 -13.56 7.57
C SER B 60 -21.92 -13.28 6.10
N GLU B 61 -22.94 -12.85 5.37
CA GLU B 61 -22.81 -12.56 3.94
C GLU B 61 -22.03 -11.26 3.69
N GLU B 62 -22.48 -10.15 4.25
CA GLU B 62 -21.73 -8.91 4.08
C GLU B 62 -20.29 -9.05 4.64
N ILE B 63 -20.10 -9.94 5.62
CA ILE B 63 -18.76 -10.20 6.18
C ILE B 63 -17.92 -10.68 5.01
N SER B 64 -18.54 -11.45 4.11
CA SER B 64 -17.85 -11.96 2.92
C SER B 64 -17.60 -10.87 1.88
N SER B 65 -18.59 -10.03 1.60
CA SER B 65 -18.39 -8.94 0.63
C SER B 65 -17.22 -8.10 1.09
N ALA B 66 -17.19 -7.78 2.38
CA ALA B 66 -16.10 -6.98 2.93
C ALA B 66 -14.77 -7.71 2.75
N THR B 67 -14.71 -9.00 3.07
CA THR B 67 -13.45 -9.71 2.90
C THR B 67 -12.94 -9.63 1.46
N LYS B 68 -13.83 -9.85 0.48
CA LYS B 68 -13.46 -9.79 -0.92
C LYS B 68 -13.05 -8.36 -1.27
N ASN B 69 -13.83 -7.39 -0.79
CA ASN B 69 -13.56 -5.98 -1.01
C ASN B 69 -12.17 -5.63 -0.48
N ILE B 70 -11.82 -6.15 0.70
CA ILE B 70 -10.49 -5.92 1.27
C ILE B 70 -9.42 -6.66 0.47
N ALA B 71 -9.72 -7.90 0.06
CA ALA B 71 -8.78 -8.68 -0.73
C ALA B 71 -8.44 -7.93 -2.01
N ASP B 72 -9.46 -7.30 -2.62
CA ASP B 72 -9.27 -6.55 -3.87
C ASP B 72 -8.45 -5.29 -3.61
N SER B 73 -8.93 -4.45 -2.70
CA SER B 73 -8.24 -3.22 -2.34
C SER B 73 -6.78 -3.49 -1.99
N ALA B 74 -6.51 -4.53 -1.23
CA ALA B 74 -5.13 -4.84 -0.86
C ALA B 74 -4.35 -5.15 -2.11
N GLN B 75 -4.83 -6.07 -2.93
CA GLN B 75 -4.15 -6.45 -4.19
C GLN B 75 -3.68 -5.21 -4.94
N GLN B 76 -4.60 -4.30 -5.21
CA GLN B 76 -4.33 -3.06 -5.91
C GLN B 76 -3.25 -2.24 -5.23
N ALA B 77 -3.33 -2.11 -3.91
CA ALA B 77 -2.31 -1.35 -3.20
C ALA B 77 -0.96 -2.03 -3.40
N ALA B 78 -0.97 -3.37 -3.55
CA ALA B 78 0.25 -4.12 -3.76
C ALA B 78 0.89 -3.71 -5.09
N SER B 79 0.05 -3.44 -6.09
CA SER B 79 0.51 -3.02 -7.43
C SER B 79 1.16 -1.66 -7.32
N PHE B 80 0.42 -0.70 -6.79
CA PHE B 80 0.91 0.66 -6.61
C PHE B 80 2.28 0.75 -5.93
N ALA B 81 2.50 -0.14 -4.95
CA ALA B 81 3.79 -0.17 -4.26
C ALA B 81 4.85 -0.62 -5.24
N ASP B 82 4.49 -1.50 -6.18
CA ASP B 82 5.40 -2.02 -7.22
C ASP B 82 5.77 -0.91 -8.18
N GLN B 83 4.74 -0.18 -8.64
CA GLN B 83 4.92 0.94 -9.54
C GLN B 83 5.82 1.96 -8.85
N SER B 84 5.73 2.01 -7.52
CA SER B 84 6.53 2.92 -6.69
C SER B 84 7.98 2.51 -6.62
N THR B 85 8.26 1.23 -6.40
CA THR B 85 9.65 0.77 -6.34
C THR B 85 10.35 0.89 -7.68
N GLN B 86 9.62 0.67 -8.78
CA GLN B 86 10.22 0.77 -10.11
C GLN B 86 10.73 2.20 -10.35
N LEU B 87 9.99 3.18 -9.87
CA LEU B 87 10.36 4.59 -10.00
C LEU B 87 11.50 4.98 -9.05
N ALA B 88 11.77 4.13 -8.06
CA ALA B 88 12.84 4.37 -7.10
C ALA B 88 14.15 3.85 -7.69
N LYS B 89 14.02 3.03 -8.73
CA LYS B 89 15.18 2.48 -9.43
C LYS B 89 15.71 3.58 -10.32
N GLU B 90 14.80 4.25 -11.03
CA GLU B 90 15.14 5.34 -11.94
C GLU B 90 15.52 6.62 -11.20
N ALA B 91 14.74 6.97 -10.19
CA ALA B 91 15.02 8.16 -9.41
C ALA B 91 16.48 8.08 -8.94
N GLY B 92 16.95 6.85 -8.70
CA GLY B 92 18.32 6.63 -8.28
C GLY B 92 19.19 6.56 -9.52
N ASP B 93 18.61 6.07 -10.63
CA ASP B 93 19.27 5.91 -11.93
C ASP B 93 19.69 7.24 -12.54
N ALA B 94 18.72 8.12 -12.70
CA ALA B 94 18.96 9.42 -13.28
C ALA B 94 19.95 10.21 -12.42
N LEU B 95 20.20 9.72 -11.21
CA LEU B 95 21.15 10.37 -10.31
C LEU B 95 22.52 9.72 -10.42
N LYS B 96 22.54 8.43 -10.78
CA LYS B 96 23.81 7.73 -10.96
C LYS B 96 24.39 8.27 -12.27
N LYS B 97 23.63 9.17 -12.90
CA LYS B 97 24.01 9.80 -14.14
C LYS B 97 24.46 11.22 -13.83
N VAL B 98 23.85 11.84 -12.82
CA VAL B 98 24.23 13.21 -12.45
C VAL B 98 25.59 13.23 -11.75
N ILE B 99 25.92 12.16 -11.04
CA ILE B 99 27.22 12.09 -10.36
C ILE B 99 28.32 11.92 -11.41
N GLU B 100 28.00 11.22 -12.50
CA GLU B 100 28.96 11.01 -13.57
C GLU B 100 29.04 12.22 -14.48
N VAL B 101 27.93 12.92 -14.66
CA VAL B 101 27.96 14.12 -15.49
C VAL B 101 28.77 15.12 -14.68
N THR B 102 28.50 15.14 -13.38
CA THR B 102 29.21 16.03 -12.45
C THR B 102 30.71 15.80 -12.49
N ARG B 103 31.16 14.57 -12.25
CA ARG B 103 32.59 14.28 -12.26
C ARG B 103 33.26 14.57 -13.61
N MET B 104 32.46 14.58 -14.68
CA MET B 104 32.95 14.89 -16.02
C MET B 104 33.23 16.39 -16.06
N ILE B 105 32.26 17.20 -15.63
CA ILE B 105 32.40 18.65 -15.61
C ILE B 105 33.38 19.10 -14.52
N SER B 106 33.58 18.29 -13.50
CA SER B 106 34.52 18.66 -12.46
C SER B 106 35.91 18.65 -13.08
N ASN B 107 36.11 17.71 -14.01
CA ASN B 107 37.38 17.58 -14.72
C ASN B 107 37.53 18.55 -15.89
N SER B 108 36.40 18.90 -16.53
CA SER B 108 36.41 19.85 -17.63
C SER B 108 36.77 21.22 -17.06
N ALA B 109 36.54 21.38 -15.76
CA ALA B 109 36.84 22.62 -15.04
C ALA B 109 38.31 22.63 -14.66
N LYS B 110 38.89 21.44 -14.51
CA LYS B 110 40.30 21.27 -14.19
C LYS B 110 41.11 21.68 -15.42
N ASP B 111 40.53 21.43 -16.60
CA ASP B 111 41.13 21.78 -17.89
C ASP B 111 41.42 23.27 -18.01
N VAL B 112 40.59 24.09 -17.36
CA VAL B 112 40.74 25.53 -17.42
C VAL B 112 41.84 26.13 -16.55
N GLU B 113 42.05 25.62 -15.33
CA GLU B 113 43.12 26.16 -14.49
C GLU B 113 44.39 25.88 -15.29
N ARG B 114 44.40 24.73 -15.96
CA ARG B 114 45.51 24.31 -16.81
C ARG B 114 45.67 25.31 -17.96
N VAL B 115 44.53 25.71 -18.54
CA VAL B 115 44.51 26.69 -19.63
C VAL B 115 45.06 28.00 -19.07
N VAL B 116 44.39 28.49 -18.04
CA VAL B 116 44.77 29.73 -17.33
C VAL B 116 46.22 29.66 -16.80
N GLU B 117 46.71 28.45 -16.53
CA GLU B 117 48.07 28.29 -16.03
C GLU B 117 49.06 28.39 -17.17
N SER B 118 48.69 27.86 -18.34
CA SER B 118 49.55 27.90 -19.52
C SER B 118 49.60 29.32 -20.03
N PHE B 119 48.56 30.08 -19.73
CA PHE B 119 48.49 31.48 -20.12
C PHE B 119 49.36 32.32 -19.19
N GLN B 120 49.19 32.13 -17.87
CA GLN B 120 49.99 32.88 -16.90
C GLN B 120 51.47 32.62 -17.13
N LYS B 121 51.83 31.35 -17.35
CA LYS B 121 53.21 30.95 -17.62
C LYS B 121 53.61 31.43 -19.01
N GLY B 122 52.65 31.36 -19.93
CA GLY B 122 52.89 31.82 -21.29
C GLY B 122 53.11 33.31 -21.34
N ALA B 123 52.68 34.00 -20.28
CA ALA B 123 52.83 35.45 -20.16
C ALA B 123 54.08 35.88 -19.38
N GLU B 124 54.57 35.01 -18.50
CA GLU B 124 55.78 35.32 -17.74
C GLU B 124 56.98 35.03 -18.60
N GLU B 125 56.84 34.05 -19.49
CA GLU B 125 57.91 33.68 -20.41
C GLU B 125 58.01 34.72 -21.52
N ILE B 126 56.86 35.23 -21.91
CA ILE B 126 56.78 36.23 -22.96
C ILE B 126 57.31 37.60 -22.55
N THR B 127 57.32 37.87 -21.24
CA THR B 127 57.81 39.15 -20.75
C THR B 127 59.33 39.22 -20.82
N SER B 128 59.99 38.08 -20.61
CA SER B 128 61.45 38.03 -20.68
C SER B 128 61.90 38.36 -22.10
N PHE B 129 61.01 38.12 -23.07
CA PHE B 129 61.29 38.40 -24.47
C PHE B 129 61.12 39.90 -24.71
N VAL B 130 60.32 40.54 -23.87
CA VAL B 130 60.12 41.98 -23.93
C VAL B 130 61.48 42.50 -23.45
N GLU B 131 61.88 41.99 -22.29
CA GLU B 131 63.17 42.35 -21.67
C GLU B 131 64.35 42.15 -22.63
N THR B 132 64.49 40.94 -23.18
CA THR B 132 65.59 40.61 -24.11
C THR B 132 65.62 41.46 -25.39
N ILE B 133 64.50 41.56 -26.08
CA ILE B 133 64.42 42.32 -27.32
C ILE B 133 64.73 43.81 -27.07
N ASN B 134 64.11 44.38 -26.04
CA ASN B 134 64.33 45.78 -25.69
C ASN B 134 65.82 46.02 -25.50
N ALA B 135 66.43 45.24 -24.62
CA ALA B 135 67.85 45.34 -24.34
C ALA B 135 68.67 45.35 -25.64
N ILE B 136 68.49 44.30 -26.46
CA ILE B 136 69.18 44.18 -27.73
C ILE B 136 68.98 45.44 -28.58
N ALA B 137 67.76 45.99 -28.61
CA ALA B 137 67.47 47.21 -29.38
C ALA B 137 68.18 48.48 -28.89
N GLU B 138 68.31 48.60 -27.57
CA GLU B 138 69.01 49.74 -26.98
C GLU B 138 70.53 49.62 -27.14
N GLN B 139 71.03 48.40 -27.32
CA GLN B 139 72.46 48.17 -27.55
C GLN B 139 72.69 48.54 -29.04
N THR B 140 71.81 48.04 -29.92
CA THR B 140 71.91 48.32 -31.35
C THR B 140 71.91 49.83 -31.62
N ASN B 141 71.07 50.55 -30.86
CA ASN B 141 70.91 51.99 -30.96
C ASN B 141 72.22 52.72 -30.66
N LEU B 142 72.75 52.51 -29.48
CA LEU B 142 74.01 53.15 -29.09
C LEU B 142 75.11 52.77 -30.07
N LEU B 143 75.14 51.50 -30.47
CA LEU B 143 76.17 51.04 -31.39
C LEU B 143 76.04 51.72 -32.74
N ALA B 144 74.81 51.82 -33.25
CA ALA B 144 74.56 52.49 -34.55
C ALA B 144 74.92 53.99 -34.47
N LEU B 145 74.75 54.59 -33.30
CA LEU B 145 75.07 55.99 -33.09
C LEU B 145 76.60 56.08 -33.11
N ASN B 146 77.24 55.15 -32.44
CA ASN B 146 78.69 55.05 -32.35
C ASN B 146 79.30 54.87 -33.74
N ALA B 147 78.59 54.17 -34.62
CA ALA B 147 79.06 53.93 -35.98
C ALA B 147 78.95 55.20 -36.82
N ALA B 148 77.89 55.97 -36.58
CA ALA B 148 77.65 57.21 -37.31
C ALA B 148 78.63 58.28 -36.87
N ILE B 149 78.86 58.37 -35.56
CA ILE B 149 79.77 59.35 -34.95
C ILE B 149 81.22 59.13 -35.40
N GLU B 150 81.42 58.10 -36.24
CA GLU B 150 82.75 57.78 -36.76
C GLU B 150 82.76 57.39 -38.25
N ALA B 151 81.65 56.91 -38.78
CA ALA B 151 81.57 56.53 -40.20
C ALA B 151 81.65 57.79 -41.05
N ALA B 152 81.13 58.90 -40.51
CA ALA B 152 81.14 60.17 -41.20
C ALA B 152 82.56 60.72 -41.32
N ARG B 153 83.45 60.22 -40.47
CA ARG B 153 84.83 60.67 -40.43
C ARG B 153 85.82 60.18 -41.49
N ALA B 154 86.03 58.87 -41.57
CA ALA B 154 86.96 58.23 -42.52
C ALA B 154 87.45 59.11 -43.68
N GLY B 155 86.50 59.53 -44.51
CA GLY B 155 86.77 60.36 -45.67
C GLY B 155 85.51 60.22 -46.50
N GLU B 156 85.56 60.46 -47.80
CA GLU B 156 84.34 60.30 -48.61
C GLU B 156 83.92 58.83 -48.72
N ALA B 157 84.57 58.00 -47.89
CA ALA B 157 84.32 56.56 -47.82
C ALA B 157 83.19 56.22 -46.87
N GLY B 158 82.76 57.20 -46.05
CA GLY B 158 81.67 56.95 -45.13
C GLY B 158 80.31 57.05 -45.76
N ARG B 159 80.27 57.49 -47.03
CA ARG B 159 79.04 57.65 -47.78
C ARG B 159 77.94 56.66 -47.41
N GLY B 160 78.15 55.40 -47.73
CA GLY B 160 77.16 54.39 -47.43
C GLY B 160 77.11 53.90 -45.99
N PHE B 161 78.10 54.28 -45.19
CA PHE B 161 78.19 53.86 -43.79
C PHE B 161 77.41 54.80 -42.86
N ALA B 162 77.33 56.07 -43.26
CA ALA B 162 76.59 57.03 -42.47
C ALA B 162 75.10 56.76 -42.77
N VAL B 163 74.83 56.18 -43.93
CA VAL B 163 73.46 55.85 -44.37
C VAL B 163 72.93 54.63 -43.60
N VAL B 164 73.74 53.59 -43.50
CA VAL B 164 73.36 52.36 -42.80
C VAL B 164 73.19 52.54 -41.29
N ALA B 165 74.17 53.20 -40.66
CA ALA B 165 74.14 53.48 -39.22
C ALA B 165 72.81 54.13 -38.90
N ASP B 166 72.45 55.12 -39.71
CA ASP B 166 71.19 55.85 -39.59
C ASP B 166 69.96 54.92 -39.60
N GLU B 167 69.73 54.18 -40.69
CA GLU B 167 68.56 53.29 -40.73
C GLU B 167 68.61 52.13 -39.72
N ILE B 168 69.80 51.82 -39.22
CA ILE B 168 69.94 50.79 -38.21
C ILE B 168 69.33 51.38 -36.95
N ARG B 169 69.77 52.58 -36.60
CA ARG B 169 69.27 53.34 -35.45
C ARG B 169 67.74 53.38 -35.56
N LYS B 170 67.25 53.80 -36.72
CA LYS B 170 65.81 53.87 -36.99
C LYS B 170 65.18 52.48 -36.90
N LEU B 171 65.83 51.46 -37.49
CA LEU B 171 65.28 50.11 -37.43
C LEU B 171 65.18 49.69 -35.97
N ALA B 172 66.20 50.06 -35.19
CA ALA B 172 66.22 49.73 -33.77
C ALA B 172 65.15 50.49 -33.01
N GLU B 173 64.71 51.62 -33.58
CA GLU B 173 63.69 52.44 -32.97
C GLU B 173 62.31 51.89 -33.21
N GLU B 174 62.21 50.97 -34.17
CA GLU B 174 60.92 50.35 -34.47
C GLU B 174 60.71 49.17 -33.52
N SER B 175 61.82 48.51 -33.15
CA SER B 175 61.81 47.38 -32.22
C SER B 175 61.31 47.77 -30.84
N GLN B 176 61.63 48.99 -30.43
CA GLN B 176 61.17 49.51 -29.15
C GLN B 176 59.63 49.56 -29.18
N GLN B 177 59.09 50.03 -30.30
CA GLN B 177 57.65 50.14 -30.50
C GLN B 177 56.90 48.83 -30.35
N ALA B 178 57.34 47.80 -31.07
CA ALA B 178 56.69 46.51 -30.99
C ALA B 178 56.65 46.03 -29.54
N SER B 179 57.75 46.21 -28.82
CA SER B 179 57.84 45.79 -27.44
C SER B 179 56.87 46.53 -26.52
N GLU B 180 56.71 47.84 -26.75
CA GLU B 180 55.81 48.63 -25.94
C GLU B 180 54.35 48.26 -26.17
N ASN B 181 54.06 47.80 -27.38
CA ASN B 181 52.70 47.38 -27.75
C ASN B 181 52.43 45.97 -27.23
N VAL B 182 53.48 45.16 -27.14
CA VAL B 182 53.39 43.79 -26.62
C VAL B 182 53.18 43.88 -25.10
N ARG B 183 53.93 44.77 -24.47
CA ARG B 183 53.85 45.01 -23.03
C ARG B 183 52.40 45.35 -22.70
N ARG B 184 51.82 46.20 -23.56
CA ARG B 184 50.44 46.63 -23.38
C ARG B 184 49.46 45.48 -23.45
N VAL B 185 49.65 44.60 -24.43
CA VAL B 185 48.76 43.45 -24.59
C VAL B 185 48.98 42.32 -23.57
N VAL B 186 50.22 42.11 -23.16
CA VAL B 186 50.52 41.08 -22.18
C VAL B 186 49.82 41.44 -20.87
N ASN B 187 49.87 42.71 -20.49
CA ASN B 187 49.22 43.16 -19.27
C ASN B 187 47.74 42.86 -19.34
N GLU B 188 47.11 43.18 -20.47
CA GLU B 188 45.69 42.94 -20.66
C GLU B 188 45.43 41.46 -20.44
N ILE B 189 46.36 40.66 -20.92
CA ILE B 189 46.31 39.21 -20.81
C ILE B 189 46.46 38.73 -19.37
N ARG B 190 47.35 39.37 -18.62
CA ARG B 190 47.62 39.02 -17.23
C ARG B 190 46.39 39.24 -16.35
N SER B 191 45.74 40.40 -16.48
CA SER B 191 44.53 40.72 -15.70
C SER B 191 43.37 39.81 -16.06
N ILE B 192 43.46 39.17 -17.24
CA ILE B 192 42.43 38.24 -17.70
C ILE B 192 42.38 37.05 -16.74
N ALA B 193 43.55 36.69 -16.21
CA ALA B 193 43.71 35.56 -15.28
C ALA B 193 42.91 35.67 -13.99
N GLU B 194 43.06 36.81 -13.29
CA GLU B 194 42.33 37.03 -12.04
C GLU B 194 40.81 37.11 -12.23
N ASP B 195 40.38 37.64 -13.37
CA ASP B 195 38.97 37.75 -13.70
C ASP B 195 38.40 36.35 -13.95
N ALA B 196 39.19 35.52 -14.62
CA ALA B 196 38.82 34.15 -14.95
C ALA B 196 38.73 33.27 -13.70
N GLY B 197 39.40 33.68 -12.63
CA GLY B 197 39.40 32.96 -11.37
C GLY B 197 38.06 32.42 -10.87
N LYS B 198 37.01 33.25 -10.83
CA LYS B 198 35.72 32.76 -10.33
C LYS B 198 35.17 31.60 -11.11
N VAL B 199 34.88 31.81 -12.39
CA VAL B 199 34.34 30.76 -13.26
C VAL B 199 35.07 29.44 -13.09
N SER B 200 36.39 29.52 -12.85
CA SER B 200 37.24 28.38 -12.65
C SER B 200 36.90 27.56 -11.38
N SER B 201 36.96 28.20 -10.21
CA SER B 201 36.66 27.49 -8.98
C SER B 201 35.22 27.62 -8.54
N GLU B 202 34.50 28.63 -9.02
CA GLU B 202 33.09 28.81 -8.69
C GLU B 202 32.40 27.59 -9.33
N ILE B 203 33.13 26.90 -10.20
CA ILE B 203 32.65 25.70 -10.83
C ILE B 203 32.80 24.52 -9.87
N THR B 204 34.03 24.17 -9.49
CA THR B 204 34.24 23.05 -8.60
C THR B 204 33.52 23.27 -7.29
N ALA B 205 33.19 24.54 -7.04
CA ALA B 205 32.42 24.90 -5.87
C ALA B 205 30.94 24.60 -6.05
N ARG B 206 30.40 25.01 -7.20
CA ARG B 206 28.99 24.80 -7.52
C ARG B 206 28.67 23.41 -8.01
N VAL B 207 29.67 22.69 -8.49
CA VAL B 207 29.43 21.32 -8.93
C VAL B 207 29.44 20.47 -7.66
N GLU B 208 30.21 20.94 -6.68
CA GLU B 208 30.37 20.31 -5.36
C GLU B 208 29.03 20.16 -4.65
N GLU B 209 28.27 21.25 -4.53
CA GLU B 209 26.98 21.17 -3.86
C GLU B 209 25.86 20.67 -4.72
N GLY B 210 26.18 20.39 -5.99
CA GLY B 210 25.22 19.83 -6.91
C GLY B 210 25.25 18.35 -6.56
N THR B 211 26.45 17.88 -6.21
CA THR B 211 26.67 16.50 -5.82
C THR B 211 26.07 16.20 -4.44
N LYS B 212 26.06 17.21 -3.56
CA LYS B 212 25.51 17.08 -2.21
C LYS B 212 24.00 16.89 -2.26
N LEU B 213 23.33 17.78 -2.98
CA LEU B 213 21.87 17.74 -3.11
C LEU B 213 21.38 16.46 -3.80
N ALA B 214 22.15 15.94 -4.74
CA ALA B 214 21.81 14.71 -5.46
C ALA B 214 21.99 13.48 -4.55
N ASP B 215 22.96 13.55 -3.63
CA ASP B 215 23.22 12.45 -2.72
C ASP B 215 22.23 12.45 -1.57
N GLU B 216 21.68 13.62 -1.25
CA GLU B 216 20.69 13.69 -0.19
C GLU B 216 19.42 13.08 -0.79
N ALA B 217 19.21 13.29 -2.08
CA ALA B 217 18.06 12.74 -2.76
C ALA B 217 18.25 11.22 -2.87
N ASP B 218 19.51 10.80 -2.83
CA ASP B 218 19.87 9.37 -2.88
C ASP B 218 19.33 8.69 -1.63
N GLU B 219 19.78 9.15 -0.45
CA GLU B 219 19.33 8.56 0.81
C GLU B 219 17.82 8.73 1.04
N LYS B 220 17.27 9.87 0.66
CA LYS B 220 15.83 10.12 0.80
C LYS B 220 15.06 9.16 -0.12
N LEU B 221 15.77 8.49 -1.02
CA LEU B 221 15.16 7.56 -1.97
C LEU B 221 15.31 6.09 -1.66
N ASN B 222 16.38 5.71 -0.96
CA ASN B 222 16.54 4.30 -0.59
C ASN B 222 15.66 4.15 0.65
N SER B 223 15.38 5.28 1.31
CA SER B 223 14.57 5.31 2.50
C SER B 223 13.09 5.08 2.16
N ILE B 224 12.73 5.24 0.88
CA ILE B 224 11.35 5.00 0.46
C ILE B 224 11.20 3.52 0.14
N VAL B 225 12.22 2.94 -0.48
CA VAL B 225 12.19 1.52 -0.81
C VAL B 225 12.11 0.72 0.51
N GLY B 226 12.41 1.38 1.62
CA GLY B 226 12.31 0.77 2.92
C GLY B 226 10.88 1.02 3.41
N ALA B 227 10.41 2.25 3.24
CA ALA B 227 9.06 2.63 3.65
C ALA B 227 8.00 1.85 2.88
N VAL B 228 8.24 1.63 1.58
CA VAL B 228 7.33 0.86 0.75
C VAL B 228 7.56 -0.65 0.97
N GLU B 229 8.65 -0.99 1.66
CA GLU B 229 8.95 -2.39 1.97
C GLU B 229 8.13 -2.77 3.19
N ARG B 230 7.94 -1.82 4.10
CA ARG B 230 7.15 -2.06 5.30
C ARG B 230 5.68 -2.20 4.91
N ILE B 231 5.25 -1.46 3.89
CA ILE B 231 3.87 -1.50 3.41
C ILE B 231 3.55 -2.86 2.82
N ASN B 232 4.43 -3.42 2.01
CA ASN B 232 4.21 -4.74 1.44
C ASN B 232 4.09 -5.76 2.56
N GLU B 233 4.99 -5.68 3.54
CA GLU B 233 4.97 -6.58 4.68
C GLU B 233 3.67 -6.43 5.48
N MET B 234 3.19 -5.19 5.58
CA MET B 234 1.96 -4.87 6.29
C MET B 234 0.74 -5.38 5.52
N LEU B 235 0.81 -5.23 4.20
CA LEU B 235 -0.22 -5.69 3.28
C LEU B 235 -0.24 -7.22 3.25
N GLN B 236 0.94 -7.81 3.44
CA GLN B 236 1.12 -9.25 3.48
C GLN B 236 0.42 -9.83 4.71
N ASN B 237 0.28 -9.01 5.76
CA ASN B 237 -0.38 -9.41 7.01
C ASN B 237 -1.90 -9.40 6.89
N ILE B 238 -2.45 -8.73 5.89
CA ILE B 238 -3.91 -8.73 5.76
C ILE B 238 -4.34 -9.85 4.81
N ALA B 239 -3.47 -10.20 3.88
CA ALA B 239 -3.77 -11.29 2.95
C ALA B 239 -3.99 -12.52 3.83
N ALA B 240 -3.08 -12.73 4.76
CA ALA B 240 -3.16 -13.87 5.68
C ALA B 240 -4.41 -13.84 6.55
N ALA B 241 -4.91 -12.65 6.85
CA ALA B 241 -6.11 -12.49 7.68
C ALA B 241 -7.35 -12.80 6.85
N ILE B 242 -7.21 -12.64 5.53
CA ILE B 242 -8.28 -12.89 4.58
C ILE B 242 -8.68 -14.36 4.46
N GLU B 243 -7.72 -15.26 4.73
CA GLU B 243 -7.98 -16.70 4.64
C GLU B 243 -8.73 -17.16 5.85
N GLU B 244 -8.53 -16.46 6.96
CA GLU B 244 -9.20 -16.81 8.21
C GLU B 244 -10.65 -16.45 8.06
N GLN B 245 -10.89 -15.23 7.56
CA GLN B 245 -12.24 -14.72 7.40
C GLN B 245 -13.11 -15.57 6.49
N ASN B 246 -12.55 -16.03 5.37
CA ASN B 246 -13.31 -16.88 4.46
C ASN B 246 -13.59 -18.20 5.14
N ALA B 247 -12.61 -18.69 5.89
CA ALA B 247 -12.73 -19.93 6.64
C ALA B 247 -13.73 -19.75 7.75
N ALA B 248 -13.68 -18.58 8.36
CA ALA B 248 -14.58 -18.25 9.44
C ALA B 248 -16.02 -18.14 8.95
N VAL B 249 -16.23 -17.66 7.73
CA VAL B 249 -17.56 -17.56 7.16
C VAL B 249 -18.01 -18.96 6.72
N ASP B 250 -17.07 -19.82 6.36
CA ASP B 250 -17.45 -21.19 5.95
C ASP B 250 -17.86 -21.99 7.18
N GLU B 251 -17.27 -21.68 8.32
CA GLU B 251 -17.62 -22.37 9.56
C GLU B 251 -18.96 -21.86 10.02
N ILE B 252 -19.22 -20.57 9.80
CA ILE B 252 -20.48 -19.93 10.20
C ILE B 252 -21.66 -20.33 9.31
N THR B 253 -21.42 -20.49 8.02
CA THR B 253 -22.50 -20.85 7.13
C THR B 253 -22.90 -22.29 7.36
N THR B 254 -21.94 -23.19 7.52
CA THR B 254 -22.28 -24.59 7.76
C THR B 254 -23.03 -24.79 9.07
N ALA B 255 -22.77 -23.93 10.06
CA ALA B 255 -23.45 -24.01 11.35
C ALA B 255 -24.90 -23.56 11.16
N MET B 256 -25.06 -22.38 10.56
CA MET B 256 -26.37 -21.79 10.28
C MET B 256 -27.19 -22.67 9.37
N THR B 257 -26.51 -23.44 8.52
CA THR B 257 -27.15 -24.38 7.59
C THR B 257 -27.83 -25.51 8.37
N GLU B 258 -27.17 -26.07 9.39
CA GLU B 258 -27.81 -27.12 10.18
C GLU B 258 -28.90 -26.53 11.08
N ASN B 259 -28.64 -25.33 11.59
CA ASN B 259 -29.60 -24.63 12.45
C ASN B 259 -30.90 -24.40 11.70
N ALA B 260 -30.83 -24.27 10.38
CA ALA B 260 -32.03 -24.06 9.56
C ALA B 260 -32.76 -25.40 9.49
N LYS B 261 -31.99 -26.47 9.28
CA LYS B 261 -32.55 -27.82 9.20
C LYS B 261 -33.29 -28.12 10.48
N ASN B 262 -32.56 -28.14 11.61
CA ASN B 262 -33.15 -28.43 12.93
C ASN B 262 -34.37 -27.57 13.31
N ALA B 263 -34.36 -26.30 12.93
CA ALA B 263 -35.50 -25.41 13.17
C ALA B 263 -36.70 -25.96 12.41
N GLU B 264 -36.48 -26.46 11.20
CA GLU B 264 -37.58 -27.03 10.41
C GLU B 264 -37.96 -28.35 11.04
N GLU B 265 -36.96 -29.14 11.44
CA GLU B 265 -37.24 -30.42 12.05
C GLU B 265 -38.09 -30.27 13.34
N ILE B 266 -37.93 -29.15 14.04
CA ILE B 266 -38.70 -28.89 15.26
C ILE B 266 -40.12 -28.42 14.93
N THR B 267 -40.23 -27.51 13.97
CA THR B 267 -41.53 -26.99 13.53
C THR B 267 -42.37 -28.16 13.06
N ASN B 268 -41.74 -29.06 12.31
CA ASN B 268 -42.46 -30.22 11.80
C ASN B 268 -42.94 -31.13 12.93
N SER B 269 -42.18 -31.18 14.03
CA SER B 269 -42.56 -31.97 15.20
C SER B 269 -43.74 -31.33 15.94
N VAL B 270 -43.76 -29.99 16.04
CA VAL B 270 -44.88 -29.28 16.69
C VAL B 270 -46.14 -29.64 15.92
N LYS B 271 -46.01 -29.72 14.61
CA LYS B 271 -47.13 -30.04 13.73
C LYS B 271 -47.72 -31.41 14.01
N GLU B 272 -46.87 -32.41 14.27
CA GLU B 272 -47.36 -33.74 14.58
C GLU B 272 -48.08 -33.73 15.91
N VAL B 273 -47.42 -33.23 16.93
CA VAL B 273 -47.98 -33.14 18.28
C VAL B 273 -49.32 -32.44 18.28
N ASN B 274 -49.40 -31.26 17.69
CA ASN B 274 -50.69 -30.55 17.68
C ASN B 274 -51.80 -31.38 17.07
N ALA B 275 -51.49 -32.19 16.06
CA ALA B 275 -52.48 -33.05 15.41
C ALA B 275 -52.84 -34.26 16.30
N ARG B 276 -51.84 -34.84 16.98
CA ARG B 276 -52.07 -35.97 17.89
C ARG B 276 -52.90 -35.51 19.10
N LEU B 277 -52.68 -34.28 19.55
CA LEU B 277 -53.46 -33.73 20.66
C LEU B 277 -54.94 -33.65 20.26
N GLN B 278 -55.19 -33.33 18.99
CA GLN B 278 -56.55 -33.22 18.48
C GLN B 278 -57.27 -34.56 18.39
N GLU B 279 -56.50 -35.65 18.26
CA GLU B 279 -57.09 -36.99 18.21
C GLU B 279 -57.52 -37.40 19.59
N ILE B 280 -56.77 -36.98 20.61
CA ILE B 280 -57.15 -37.29 21.97
C ILE B 280 -58.34 -36.47 22.45
N SER B 281 -58.45 -35.21 22.00
CA SER B 281 -59.61 -34.38 22.39
C SER B 281 -60.84 -35.13 21.93
N ALA B 282 -60.73 -35.67 20.72
CA ALA B 282 -61.81 -36.45 20.11
C ALA B 282 -62.06 -37.65 21.00
N SER B 283 -60.98 -38.34 21.40
CA SER B 283 -61.10 -39.51 22.26
C SER B 283 -61.64 -39.14 23.63
N THR B 284 -61.32 -37.93 24.07
CA THR B 284 -61.79 -37.42 25.35
C THR B 284 -63.31 -37.25 25.25
N GLU B 285 -63.77 -36.76 24.11
CA GLU B 285 -65.19 -36.55 23.88
C GLU B 285 -65.95 -37.85 23.70
N GLU B 286 -65.29 -38.85 23.12
CA GLU B 286 -65.89 -40.16 22.91
C GLU B 286 -66.26 -40.68 24.31
N VAL B 287 -65.32 -40.49 25.24
CA VAL B 287 -65.47 -40.89 26.62
C VAL B 287 -66.50 -40.06 27.39
N THR B 288 -66.54 -38.76 27.12
CA THR B 288 -67.49 -37.89 27.82
C THR B 288 -68.92 -38.14 27.35
N SER B 289 -69.07 -38.75 26.18
CA SER B 289 -70.38 -39.04 25.65
C SER B 289 -70.84 -40.37 26.22
N ARG B 290 -69.89 -41.30 26.39
CA ARG B 290 -70.19 -42.61 26.95
C ARG B 290 -70.32 -42.59 28.48
N VAL B 291 -69.91 -41.49 29.10
CA VAL B 291 -70.02 -41.35 30.53
C VAL B 291 -71.50 -41.10 30.79
N GLN B 292 -72.10 -40.27 29.95
CA GLN B 292 -73.52 -39.95 30.05
C GLN B 292 -74.41 -41.18 29.88
N THR B 293 -74.15 -41.96 28.83
CA THR B 293 -74.91 -43.17 28.54
C THR B 293 -74.92 -44.15 29.73
N ILE B 294 -73.82 -44.22 30.48
CA ILE B 294 -73.70 -45.08 31.66
C ILE B 294 -74.46 -44.49 32.85
N ARG B 295 -74.46 -43.17 32.98
CA ARG B 295 -75.18 -42.51 34.07
C ARG B 295 -76.67 -42.77 33.91
N GLU B 296 -77.17 -42.60 32.69
CA GLU B 296 -78.58 -42.87 32.40
C GLU B 296 -78.84 -44.32 32.76
N ASN B 297 -77.91 -45.19 32.35
CA ASN B 297 -77.98 -46.64 32.57
C ASN B 297 -77.59 -47.08 33.98
N VAL B 298 -77.40 -46.13 34.90
CA VAL B 298 -77.05 -46.45 36.28
C VAL B 298 -78.12 -45.79 37.14
N GLN B 299 -78.85 -44.88 36.51
CA GLN B 299 -79.93 -44.13 37.12
C GLN B 299 -81.21 -44.93 36.91
N MET B 300 -81.40 -45.43 35.69
CA MET B 300 -82.57 -46.24 35.36
C MET B 300 -82.51 -47.54 36.15
N LEU B 301 -81.32 -47.88 36.63
CA LEU B 301 -81.11 -49.09 37.40
C LEU B 301 -81.42 -48.90 38.87
N LYS B 302 -81.12 -47.71 39.40
CA LYS B 302 -81.40 -47.41 40.80
C LYS B 302 -82.92 -47.32 40.97
N GLU B 303 -83.63 -47.17 39.85
CA GLU B 303 -85.09 -47.11 39.85
C GLU B 303 -85.63 -48.51 40.15
N ILE B 304 -84.89 -49.53 39.72
CA ILE B 304 -85.24 -50.91 39.97
C ILE B 304 -85.06 -51.17 41.47
N VAL B 305 -83.96 -50.65 42.03
CA VAL B 305 -83.65 -50.78 43.45
C VAL B 305 -84.82 -50.36 44.37
N ALA B 306 -85.63 -49.40 43.91
CA ALA B 306 -86.78 -48.93 44.68
C ALA B 306 -88.03 -49.65 44.18
N ARG B 307 -88.27 -49.55 42.86
CA ARG B 307 -89.40 -50.18 42.15
C ARG B 307 -89.66 -51.58 42.72
N TYR B 308 -88.62 -52.41 42.71
CA TYR B 308 -88.70 -53.77 43.24
C TYR B 308 -88.37 -53.68 44.73
N LYS B 309 -87.22 -53.34 45.08
PB PB C . -25.92 -5.51 8.69
PB PB D . -56.32 -39.24 38.22
#